data_8II4
#
_entry.id   8II4
#
_cell.length_a   43.264
_cell.length_b   85.656
_cell.length_c   63.886
_cell.angle_alpha   90.00
_cell.angle_beta   90.00
_cell.angle_gamma   90.00
#
_symmetry.space_group_name_H-M   'P 21 21 2'
#
loop_
_entity.id
_entity.type
_entity.pdbx_description
1 polymer Transthyretin
2 non-polymer [3,5-bis(bromanyl)-4-oxidanyl-phenyl]-(2-ethyl-6-oxidanyl-1-benzofuran-3-yl)methanone
3 water water
#
_entity_poly.entity_id   1
_entity_poly.type   'polypeptide(L)'
_entity_poly.pdbx_seq_one_letter_code
;MRGSHHHHHHGSMASHRLLLLCLAGLVFVSEAGPTGTGESKCPLMVKVLDAVRGSPAINVAMHVFRKAADDTWEPFASGK
TSESGELHGLTTEEEFVEGIYKVEIDTKSYWKALGISPFHEHAEVVFTANDSGPRRYTIAALLSPYSYSTTAVVTNPKE
;
_entity_poly.pdbx_strand_id   A,B
#
loop_
_chem_comp.id
_chem_comp.type
_chem_comp.name
_chem_comp.formula
PKQ non-polymer [3,5-bis(bromanyl)-4-oxidanyl-phenyl]-(2-ethyl-6-oxidanyl-1-benzofuran-3-yl)methanone 'C17 H12 Br2 O4'
#
# COMPACT_ATOMS: atom_id res chain seq x y z
N CYS A 42 0.64 8.79 22.80
CA CYS A 42 0.24 8.77 21.39
C CYS A 42 0.64 7.44 20.76
N PRO A 43 -0.30 6.49 20.74
CA PRO A 43 0.03 5.14 20.27
C PRO A 43 0.05 4.98 18.76
N LEU A 44 -0.52 5.92 18.00
CA LEU A 44 -0.56 5.81 16.54
C LEU A 44 -0.34 7.20 15.98
N MET A 45 0.74 7.38 15.22
CA MET A 45 1.04 8.65 14.56
C MET A 45 1.38 8.35 13.12
N VAL A 46 1.01 9.26 12.22
CA VAL A 46 1.33 9.11 10.79
C VAL A 46 2.10 10.33 10.31
N LYS A 47 3.19 10.12 9.59
CA LYS A 47 4.00 11.21 9.05
C LYS A 47 4.14 11.01 7.54
N VAL A 48 3.96 12.08 6.78
CA VAL A 48 3.93 12.02 5.32
C VAL A 48 4.87 13.09 4.78
N LEU A 49 5.77 12.70 3.90
CA LEU A 49 6.71 13.60 3.25
C LEU A 49 6.52 13.60 1.75
N ASP A 50 6.90 14.71 1.12
CA ASP A 50 6.79 14.92 -0.32
C ASP A 50 8.20 14.87 -0.91
N ALA A 51 8.44 13.86 -1.77
CA ALA A 51 9.75 13.66 -2.37
C ALA A 51 10.01 14.55 -3.59
N VAL A 52 8.99 15.23 -4.10
CA VAL A 52 9.19 16.18 -5.21
C VAL A 52 9.67 17.52 -4.67
N ARG A 53 9.05 17.99 -3.60
CA ARG A 53 9.33 19.31 -3.04
C ARG A 53 10.32 19.29 -1.88
N GLY A 54 10.63 18.12 -1.31
CA GLY A 54 11.50 18.09 -0.14
C GLY A 54 10.88 18.76 1.06
N SER A 55 9.64 18.40 1.36
CA SER A 55 8.88 19.13 2.36
C SER A 55 7.95 18.14 3.04
N PRO A 56 7.42 18.47 4.21
CA PRO A 56 6.26 17.73 4.71
C PRO A 56 5.13 17.78 3.69
N ALA A 57 4.33 16.71 3.66
CA ALA A 57 3.10 16.69 2.86
C ALA A 57 1.96 17.15 3.76
N ILE A 58 1.50 18.40 3.55
CA ILE A 58 0.57 19.08 4.45
C ILE A 58 -0.85 18.84 3.96
N ASN A 59 -1.79 18.72 4.91
CA ASN A 59 -3.22 18.61 4.59
C ASN A 59 -3.55 17.32 3.83
N VAL A 60 -2.82 16.25 4.10
CA VAL A 60 -3.12 14.95 3.53
C VAL A 60 -4.16 14.27 4.39
N ALA A 61 -5.30 13.93 3.80
CA ALA A 61 -6.35 13.25 4.55
C ALA A 61 -6.04 11.77 4.65
N MET A 62 -6.44 11.17 5.77
CA MET A 62 -6.38 9.72 5.85
C MET A 62 -7.48 9.18 6.75
N HIS A 63 -7.88 7.95 6.47
CA HIS A 63 -8.85 7.22 7.27
C HIS A 63 -8.22 5.94 7.77
N VAL A 64 -8.47 5.63 9.05
CA VAL A 64 -8.00 4.41 9.68
C VAL A 64 -9.20 3.51 9.89
N PHE A 65 -9.04 2.23 9.57
CA PHE A 65 -10.09 1.23 9.74
C PHE A 65 -9.56 0.08 10.60
N ARG A 66 -10.48 -0.65 11.20
CA ARG A 66 -10.11 -1.81 12.00
C ARG A 66 -10.98 -2.98 11.58
N LYS A 67 -10.36 -4.15 11.42
CA LYS A 67 -11.12 -5.30 10.94
C LYS A 67 -12.02 -5.82 12.07
N ALA A 68 -13.31 -5.94 11.78
CA ALA A 68 -14.27 -6.45 12.75
C ALA A 68 -14.29 -7.97 12.73
N ALA A 69 -15.03 -8.56 13.68
CA ALA A 69 -15.05 -10.01 13.82
C ALA A 69 -15.72 -10.68 12.62
N ASP A 70 -16.57 -9.97 11.89
CA ASP A 70 -17.16 -10.46 10.66
C ASP A 70 -16.30 -10.17 9.42
N ASP A 71 -15.04 -9.76 9.62
CA ASP A 71 -14.06 -9.56 8.55
C ASP A 71 -14.34 -8.34 7.66
N THR A 72 -15.17 -7.41 8.11
CA THR A 72 -15.35 -6.15 7.40
C THR A 72 -14.49 -5.06 8.04
N TRP A 73 -14.21 -4.01 7.27
CA TRP A 73 -13.42 -2.88 7.75
C TRP A 73 -14.34 -1.87 8.42
N GLU A 74 -14.18 -1.70 9.72
CA GLU A 74 -14.99 -0.69 10.39
C GLU A 74 -14.22 0.62 10.52
N PRO A 75 -14.85 1.78 10.37
CA PRO A 75 -14.16 3.04 10.62
C PRO A 75 -13.63 3.12 12.05
N PHE A 76 -12.40 3.61 12.19
CA PHE A 76 -11.72 3.69 13.47
C PHE A 76 -11.32 5.11 13.84
N ALA A 77 -10.69 5.85 12.92
CA ALA A 77 -10.31 7.23 13.19
C ALA A 77 -9.99 7.87 11.85
N SER A 78 -9.94 9.21 11.83
CA SER A 78 -9.50 9.89 10.62
C SER A 78 -8.93 11.25 10.97
N GLY A 79 -8.23 11.86 10.02
CA GLY A 79 -7.65 13.16 10.24
C GLY A 79 -6.86 13.60 9.02
N LYS A 80 -6.21 14.76 9.15
CA LYS A 80 -5.30 15.22 8.10
C LYS A 80 -3.99 15.67 8.70
N THR A 81 -2.93 15.60 7.88
CA THR A 81 -1.62 16.02 8.36
C THR A 81 -1.55 17.54 8.57
N SER A 82 -0.74 17.91 9.54
CA SER A 82 -0.51 19.30 9.89
C SER A 82 0.58 19.90 9.01
N GLU A 83 0.99 21.14 9.34
CA GLU A 83 2.08 21.79 8.64
C GLU A 83 3.39 21.03 8.75
N SER A 84 3.52 20.17 9.75
CA SER A 84 4.73 19.35 9.90
C SER A 84 4.63 18.03 9.16
N GLY A 85 3.53 17.77 8.46
CA GLY A 85 3.33 16.49 7.81
C GLY A 85 2.90 15.38 8.73
N GLU A 86 2.55 15.69 9.98
CA GLU A 86 2.25 14.69 10.99
C GLU A 86 0.77 14.74 11.37
N LEU A 87 0.23 13.57 11.68
CA LEU A 87 -1.12 13.47 12.21
C LEU A 87 -1.02 12.76 13.55
N HIS A 88 -1.32 13.49 14.62
CA HIS A 88 -1.29 13.01 15.99
C HIS A 88 -2.72 12.90 16.51
N GLY A 89 -2.87 12.17 17.62
CA GLY A 89 -4.14 12.15 18.33
C GLY A 89 -5.22 11.28 17.73
N LEU A 90 -4.86 10.33 16.87
CA LEU A 90 -5.88 9.49 16.24
C LEU A 90 -6.61 8.61 17.25
N THR A 91 -5.90 8.12 18.28
CA THR A 91 -6.52 7.17 19.20
C THR A 91 -5.87 7.29 20.58
N THR A 92 -6.28 6.40 21.48
CA THR A 92 -5.76 6.35 22.84
C THR A 92 -5.30 4.94 23.11
N GLU A 93 -4.47 4.77 24.16
CA GLU A 93 -4.02 3.43 24.51
C GLU A 93 -5.19 2.49 24.80
N GLU A 94 -6.24 2.99 25.46
CA GLU A 94 -7.37 2.13 25.82
C GLU A 94 -8.18 1.71 24.59
N GLU A 95 -8.36 2.61 23.62
CA GLU A 95 -9.19 2.32 22.47
C GLU A 95 -8.44 1.48 21.42
N PHE A 96 -7.11 1.59 21.41
CA PHE A 96 -6.27 0.97 20.39
C PHE A 96 -5.91 -0.45 20.81
N VAL A 97 -6.94 -1.30 20.80
CA VAL A 97 -6.80 -2.71 21.17
C VAL A 97 -6.12 -3.52 20.07
N GLU A 98 -5.78 -4.78 20.39
CA GLU A 98 -5.28 -5.71 19.38
C GLU A 98 -6.22 -5.74 18.20
N GLY A 99 -5.66 -5.87 17.01
CA GLY A 99 -6.50 -6.01 15.83
C GLY A 99 -5.67 -5.80 14.58
N ILE A 100 -6.35 -5.94 13.45
CA ILE A 100 -5.78 -5.61 12.15
C ILE A 100 -6.31 -4.25 11.73
N TYR A 101 -5.39 -3.33 11.45
CA TYR A 101 -5.73 -1.95 11.15
C TYR A 101 -5.29 -1.62 9.74
N LYS A 102 -6.04 -0.75 9.08
CA LYS A 102 -5.70 -0.27 7.75
C LYS A 102 -5.67 1.25 7.80
N VAL A 103 -4.57 1.84 7.33
CA VAL A 103 -4.46 3.29 7.16
C VAL A 103 -4.52 3.57 5.68
N GLU A 104 -5.53 4.32 5.25
CA GLU A 104 -5.72 4.67 3.85
C GLU A 104 -5.37 6.16 3.72
N ILE A 105 -4.26 6.45 3.06
CA ILE A 105 -3.75 7.82 2.93
C ILE A 105 -4.17 8.34 1.57
N ASP A 106 -4.92 9.45 1.53
CA ASP A 106 -5.48 9.96 0.27
C ASP A 106 -4.41 10.75 -0.49
N THR A 107 -3.51 10.00 -1.13
CA THR A 107 -2.42 10.63 -1.86
C THR A 107 -2.89 11.24 -3.17
N LYS A 108 -3.93 10.67 -3.79
CA LYS A 108 -4.39 11.20 -5.08
C LYS A 108 -4.86 12.66 -4.94
N SER A 109 -5.65 12.96 -3.92
CA SER A 109 -6.12 14.34 -3.74
C SER A 109 -4.96 15.28 -3.47
N TYR A 110 -3.96 14.82 -2.72
CA TYR A 110 -2.78 15.63 -2.48
C TYR A 110 -2.10 16.04 -3.79
N TRP A 111 -1.85 15.08 -4.68
CA TRP A 111 -1.15 15.40 -5.91
C TRP A 111 -2.00 16.25 -6.85
N LYS A 112 -3.30 15.93 -6.94
CA LYS A 112 -4.17 16.68 -7.83
C LYS A 112 -4.18 18.17 -7.49
N ALA A 113 -4.16 18.50 -6.20
CA ALA A 113 -4.14 19.90 -5.79
C ALA A 113 -2.83 20.60 -6.16
N LEU A 114 -1.75 19.84 -6.36
CA LEU A 114 -0.50 20.40 -6.83
C LEU A 114 -0.38 20.36 -8.36
N GLY A 115 -1.46 20.00 -9.04
CA GLY A 115 -1.47 19.96 -10.49
C GLY A 115 -0.96 18.67 -11.10
N ILE A 116 -0.75 17.64 -10.29
CA ILE A 116 -0.15 16.39 -10.75
C ILE A 116 -1.23 15.31 -10.79
N SER A 117 -1.25 14.55 -11.89
CA SER A 117 -2.14 13.40 -11.98
C SER A 117 -1.33 12.18 -11.59
N PRO A 118 -1.49 11.62 -10.39
CA PRO A 118 -0.60 10.57 -9.93
C PRO A 118 -1.13 9.18 -10.29
N PHE A 119 -0.28 8.20 -10.05
CA PHE A 119 -0.60 6.83 -10.40
C PHE A 119 -1.58 6.20 -9.41
N HIS A 120 -1.30 6.33 -8.12
CA HIS A 120 -2.05 5.56 -7.13
C HIS A 120 -3.32 6.28 -6.70
N GLU A 121 -4.34 5.50 -6.36
CA GLU A 121 -5.55 6.08 -5.79
C GLU A 121 -5.30 6.53 -4.35
N HIS A 122 -4.59 5.70 -3.61
CA HIS A 122 -4.22 6.01 -2.23
C HIS A 122 -3.07 5.08 -1.87
N ALA A 123 -2.44 5.37 -0.75
CA ALA A 123 -1.46 4.48 -0.16
C ALA A 123 -2.14 3.77 1.00
N GLU A 124 -2.07 2.44 1.00
CA GLU A 124 -2.72 1.62 2.01
C GLU A 124 -1.65 0.96 2.86
N VAL A 125 -1.84 1.00 4.18
CA VAL A 125 -0.92 0.38 5.12
C VAL A 125 -1.75 -0.52 6.03
N VAL A 126 -1.56 -1.82 5.93
CA VAL A 126 -2.35 -2.79 6.69
C VAL A 126 -1.44 -3.60 7.60
N PHE A 127 -1.77 -3.66 8.89
CA PHE A 127 -0.87 -4.29 9.85
C PHE A 127 -1.63 -4.77 11.07
N THR A 128 -1.10 -5.82 11.71
CA THR A 128 -1.60 -6.22 13.03
C THR A 128 -0.93 -5.38 14.11
N ALA A 129 -1.73 -4.85 15.03
CA ALA A 129 -1.22 -3.99 16.10
C ALA A 129 -1.46 -4.64 17.45
N ASN A 130 -0.51 -4.46 18.36
CA ASN A 130 -0.63 -4.78 19.78
C ASN A 130 -0.78 -6.27 20.06
N ASP A 131 -0.33 -7.13 19.15
CA ASP A 131 -0.46 -8.57 19.34
C ASP A 131 0.38 -9.11 20.49
N SER A 132 1.43 -8.40 20.89
CA SER A 132 2.25 -8.80 22.03
C SER A 132 2.16 -7.80 23.18
N GLY A 133 1.06 -7.06 23.27
CA GLY A 133 0.94 -5.99 24.21
C GLY A 133 1.03 -4.65 23.53
N PRO A 134 0.76 -3.58 24.29
CA PRO A 134 0.71 -2.23 23.69
C PRO A 134 2.05 -1.82 23.13
N ARG A 135 2.01 -1.25 21.93
CA ARG A 135 3.18 -0.62 21.34
C ARG A 135 2.77 0.75 20.81
N ARG A 136 3.78 1.56 20.51
CA ARG A 136 3.58 2.85 19.86
C ARG A 136 4.00 2.71 18.41
N TYR A 137 3.17 3.17 17.50
CA TYR A 137 3.41 3.00 16.06
C TYR A 137 3.51 4.34 15.39
N THR A 138 4.59 4.54 14.63
CA THR A 138 4.68 5.63 13.67
C THR A 138 4.66 5.01 12.29
N ILE A 139 3.67 5.39 11.50
CA ILE A 139 3.56 4.99 10.09
C ILE A 139 4.08 6.16 9.28
N ALA A 140 5.06 5.92 8.43
CA ALA A 140 5.65 6.97 7.60
C ALA A 140 5.46 6.64 6.14
N ALA A 141 5.21 7.68 5.33
CA ALA A 141 5.06 7.51 3.89
C ALA A 141 5.81 8.63 3.19
N LEU A 142 6.61 8.28 2.19
CA LEU A 142 7.34 9.22 1.35
C LEU A 142 6.72 9.14 -0.03
N LEU A 143 6.17 10.26 -0.52
CA LEU A 143 5.32 10.27 -1.71
C LEU A 143 6.01 10.88 -2.92
N SER A 144 5.86 10.22 -4.06
CA SER A 144 6.13 10.76 -5.39
C SER A 144 4.92 10.47 -6.25
N PRO A 145 4.82 11.12 -7.42
CA PRO A 145 3.60 10.95 -8.22
C PRO A 145 3.35 9.51 -8.65
N TYR A 146 4.40 8.75 -8.96
CA TYR A 146 4.24 7.37 -9.42
C TYR A 146 4.81 6.35 -8.45
N SER A 147 5.12 6.73 -7.22
CA SER A 147 5.79 5.83 -6.31
C SER A 147 5.54 6.30 -4.90
N TYR A 148 5.47 5.35 -3.97
CA TYR A 148 5.60 5.73 -2.57
C TYR A 148 6.35 4.65 -1.82
N SER A 149 6.94 5.06 -0.72
CA SER A 149 7.61 4.16 0.19
C SER A 149 6.96 4.33 1.54
N THR A 150 6.80 3.23 2.27
CA THR A 150 6.21 3.31 3.60
C THR A 150 6.99 2.43 4.55
N THR A 151 7.13 2.90 5.77
CA THR A 151 7.82 2.14 6.80
C THR A 151 7.08 2.34 8.10
N ALA A 152 7.44 1.55 9.08
CA ALA A 152 6.86 1.70 10.41
C ALA A 152 7.97 1.70 11.44
N VAL A 153 7.82 2.55 12.45
CA VAL A 153 8.68 2.56 13.62
C VAL A 153 7.82 2.13 14.79
N VAL A 154 8.20 1.02 15.41
CA VAL A 154 7.42 0.39 16.47
C VAL A 154 8.28 0.40 17.73
N THR A 155 7.77 1.04 18.78
CA THR A 155 8.50 1.18 20.03
C THR A 155 7.68 0.64 21.18
N ASN A 156 8.39 0.19 22.21
CA ASN A 156 7.75 -0.37 23.41
C ASN A 156 7.86 0.65 24.55
N CYS B 42 1.16 -8.31 -23.01
CA CYS B 42 1.20 -8.30 -21.55
C CYS B 42 1.00 -6.87 -21.02
N PRO B 43 -0.26 -6.48 -20.80
CA PRO B 43 -0.52 -5.11 -20.36
C PRO B 43 -0.20 -4.85 -18.89
N LEU B 44 -0.07 -5.87 -18.06
CA LEU B 44 0.15 -5.72 -16.63
C LEU B 44 1.13 -6.79 -16.15
N MET B 45 2.27 -6.36 -15.61
CA MET B 45 3.28 -7.23 -15.03
C MET B 45 3.61 -6.71 -13.64
N VAL B 46 3.94 -7.62 -12.72
CA VAL B 46 4.35 -7.25 -11.36
C VAL B 46 5.74 -7.82 -11.10
N LYS B 47 6.64 -6.99 -10.55
CA LYS B 47 7.99 -7.42 -10.21
C LYS B 47 8.23 -7.14 -8.73
N VAL B 48 8.78 -8.12 -8.01
CA VAL B 48 8.97 -8.00 -6.57
C VAL B 48 10.43 -8.35 -6.25
N LEU B 49 11.07 -7.48 -5.46
CA LEU B 49 12.45 -7.66 -5.04
C LEU B 49 12.54 -7.69 -3.52
N ASP B 50 13.60 -8.31 -3.03
CA ASP B 50 13.86 -8.52 -1.61
C ASP B 50 15.08 -7.69 -1.22
N ALA B 51 14.88 -6.72 -0.34
CA ALA B 51 15.93 -5.79 0.07
C ALA B 51 16.79 -6.33 1.21
N VAL B 52 16.42 -7.44 1.82
CA VAL B 52 17.25 -8.08 2.84
C VAL B 52 18.27 -9.01 2.21
N ARG B 53 17.85 -9.75 1.18
CA ARG B 53 18.74 -10.70 0.54
C ARG B 53 19.35 -10.19 -0.76
N GLY B 54 18.86 -9.07 -1.29
CA GLY B 54 19.40 -8.55 -2.54
C GLY B 54 19.09 -9.45 -3.72
N SER B 55 17.83 -9.85 -3.85
CA SER B 55 17.47 -10.91 -4.78
C SER B 55 16.05 -10.65 -5.25
N PRO B 56 15.64 -11.26 -6.35
CA PRO B 56 14.21 -11.34 -6.64
C PRO B 56 13.50 -11.99 -5.47
N ALA B 57 12.25 -11.58 -5.26
CA ALA B 57 11.36 -12.19 -4.27
C ALA B 57 10.56 -13.26 -4.99
N ILE B 58 10.93 -14.53 -4.77
CA ILE B 58 10.42 -15.66 -5.55
C ILE B 58 9.25 -16.28 -4.81
N ASN B 59 8.27 -16.77 -5.57
CA ASN B 59 7.12 -17.49 -5.00
C ASN B 59 6.28 -16.60 -4.10
N VAL B 60 6.22 -15.31 -4.41
CA VAL B 60 5.33 -14.38 -3.72
C VAL B 60 3.96 -14.44 -4.38
N ALA B 61 2.95 -14.76 -3.60
CA ALA B 61 1.59 -14.80 -4.13
C ALA B 61 0.97 -13.42 -4.15
N MET B 62 0.13 -13.18 -5.16
CA MET B 62 -0.64 -11.95 -5.18
C MET B 62 -1.96 -12.17 -5.88
N HIS B 63 -2.93 -11.34 -5.52
CA HIS B 63 -4.23 -11.29 -6.19
C HIS B 63 -4.46 -9.89 -6.72
N VAL B 64 -5.09 -9.81 -7.89
CA VAL B 64 -5.48 -8.54 -8.48
C VAL B 64 -6.99 -8.48 -8.46
N PHE B 65 -7.52 -7.33 -8.07
CA PHE B 65 -8.95 -7.11 -7.97
C PHE B 65 -9.32 -5.91 -8.82
N ARG B 66 -10.56 -5.90 -9.32
CA ARG B 66 -11.10 -4.74 -10.00
C ARG B 66 -12.28 -4.22 -9.19
N LYS B 67 -12.36 -2.90 -9.06
CA LYS B 67 -13.42 -2.31 -8.24
C LYS B 67 -14.73 -2.39 -9.00
N ALA B 68 -15.76 -2.87 -8.32
CA ALA B 68 -17.06 -3.06 -8.97
C ALA B 68 -17.94 -1.83 -8.73
N ALA B 69 -19.14 -1.87 -9.31
CA ALA B 69 -20.05 -0.73 -9.22
C ALA B 69 -20.52 -0.49 -7.80
N ASP B 70 -20.64 -1.55 -6.99
CA ASP B 70 -21.04 -1.43 -5.60
C ASP B 70 -19.86 -1.16 -4.65
N ASP B 71 -18.71 -0.75 -5.18
CA ASP B 71 -17.51 -0.43 -4.41
C ASP B 71 -16.90 -1.63 -3.71
N THR B 72 -17.20 -2.85 -4.16
CA THR B 72 -16.53 -4.05 -3.67
C THR B 72 -15.42 -4.45 -4.64
N TRP B 73 -14.53 -5.31 -4.17
CA TRP B 73 -13.38 -5.73 -4.95
C TRP B 73 -13.64 -7.12 -5.54
N GLU B 74 -13.74 -7.19 -6.86
CA GLU B 74 -13.94 -8.55 -7.32
C GLU B 74 -12.64 -9.12 -7.86
N PRO B 75 -12.38 -10.40 -7.59
CA PRO B 75 -11.17 -11.05 -8.11
C PRO B 75 -11.09 -10.90 -9.63
N PHE B 76 -9.89 -10.64 -10.09
CA PHE B 76 -9.58 -10.41 -11.51
C PHE B 76 -8.53 -11.37 -12.03
N ALA B 77 -7.43 -11.55 -11.30
CA ALA B 77 -6.31 -12.40 -11.70
C ALA B 77 -5.47 -12.66 -10.46
N SER B 78 -4.61 -13.67 -10.54
CA SER B 78 -3.67 -13.95 -9.46
C SER B 78 -2.55 -14.85 -9.98
N GLY B 79 -1.52 -14.99 -9.15
CA GLY B 79 -0.39 -15.83 -9.47
C GLY B 79 0.69 -15.68 -8.42
N LYS B 80 1.83 -16.32 -8.68
CA LYS B 80 3.00 -16.23 -7.82
C LYS B 80 4.21 -15.81 -8.66
N THR B 81 5.10 -15.02 -8.06
CA THR B 81 6.27 -14.58 -8.82
C THR B 81 7.19 -15.75 -9.16
N SER B 82 7.87 -15.62 -10.30
CA SER B 82 8.80 -16.60 -10.82
C SER B 82 10.16 -16.46 -10.12
N GLU B 83 11.13 -17.25 -10.59
CA GLU B 83 12.48 -17.16 -10.07
C GLU B 83 13.14 -15.81 -10.37
N SER B 84 12.61 -15.05 -11.32
CA SER B 84 13.08 -13.70 -11.58
C SER B 84 12.32 -12.66 -10.78
N GLY B 85 11.42 -13.09 -9.90
CA GLY B 85 10.59 -12.17 -9.14
C GLY B 85 9.46 -11.54 -9.92
N GLU B 86 9.14 -12.06 -11.09
CA GLU B 86 8.17 -11.44 -11.98
C GLU B 86 6.92 -12.30 -12.13
N LEU B 87 5.80 -11.63 -12.33
CA LEU B 87 4.54 -12.31 -12.59
C LEU B 87 3.97 -11.74 -13.87
N HIS B 88 3.93 -12.56 -14.92
CA HIS B 88 3.48 -12.19 -16.25
C HIS B 88 2.15 -12.87 -16.54
N GLY B 89 1.47 -12.41 -17.60
CA GLY B 89 0.28 -13.09 -18.08
C GLY B 89 -0.95 -12.96 -17.22
N LEU B 90 -1.05 -11.89 -16.42
CA LEU B 90 -2.21 -11.71 -15.56
C LEU B 90 -3.47 -11.42 -16.35
N THR B 91 -3.35 -10.67 -17.44
CA THR B 91 -4.54 -10.24 -18.17
C THR B 91 -4.20 -10.07 -19.65
N THR B 92 -5.22 -9.69 -20.42
CA THR B 92 -5.06 -9.41 -21.84
C THR B 92 -5.48 -7.97 -22.09
N GLU B 93 -5.08 -7.44 -23.25
CA GLU B 93 -5.44 -6.06 -23.57
C GLU B 93 -6.96 -5.89 -23.65
N GLU B 94 -7.67 -6.89 -24.19
CA GLU B 94 -9.12 -6.76 -24.31
C GLU B 94 -9.79 -6.72 -22.93
N GLU B 95 -9.27 -7.47 -21.96
CA GLU B 95 -9.89 -7.57 -20.65
C GLU B 95 -9.51 -6.41 -19.74
N PHE B 96 -8.33 -5.84 -19.96
CA PHE B 96 -7.77 -4.82 -19.05
C PHE B 96 -8.32 -3.44 -19.42
N VAL B 97 -9.59 -3.23 -19.10
CA VAL B 97 -10.27 -1.97 -19.40
C VAL B 97 -10.03 -0.93 -18.31
N GLU B 98 -10.35 0.32 -18.62
CA GLU B 98 -10.24 1.38 -17.63
C GLU B 98 -11.03 1.04 -16.38
N GLY B 99 -10.50 1.48 -15.25
CA GLY B 99 -11.12 1.16 -13.97
C GLY B 99 -10.06 1.25 -12.90
N ILE B 100 -10.51 0.94 -11.68
CA ILE B 100 -9.63 0.98 -10.51
C ILE B 100 -9.27 -0.45 -10.14
N TYR B 101 -7.98 -0.71 -10.00
CA TYR B 101 -7.45 -2.04 -9.76
C TYR B 101 -6.65 -2.04 -8.47
N LYS B 102 -6.67 -3.18 -7.78
CA LYS B 102 -5.88 -3.35 -6.56
C LYS B 102 -5.04 -4.61 -6.70
N VAL B 103 -3.73 -4.49 -6.45
CA VAL B 103 -2.83 -5.62 -6.39
C VAL B 103 -2.49 -5.83 -4.93
N GLU B 104 -2.88 -6.99 -4.38
CA GLU B 104 -2.62 -7.33 -3.00
C GLU B 104 -1.54 -8.40 -2.99
N ILE B 105 -0.36 -8.02 -2.49
CA ILE B 105 0.82 -8.88 -2.52
C ILE B 105 0.99 -9.48 -1.13
N ASP B 106 1.06 -10.83 -1.06
CA ASP B 106 1.11 -11.51 0.24
C ASP B 106 2.55 -11.50 0.77
N THR B 107 2.96 -10.33 1.24
CA THR B 107 4.31 -10.16 1.77
C THR B 107 4.48 -10.86 3.11
N LYS B 108 3.40 -10.96 3.91
CA LYS B 108 3.52 -11.59 5.22
C LYS B 108 3.95 -13.05 5.09
N SER B 109 3.32 -13.80 4.18
CA SER B 109 3.70 -15.20 3.99
C SER B 109 5.13 -15.34 3.50
N TYR B 110 5.59 -14.39 2.66
CA TYR B 110 6.95 -14.43 2.16
C TYR B 110 7.96 -14.32 3.31
N TRP B 111 7.78 -13.33 4.17
CA TRP B 111 8.71 -13.14 5.29
C TRP B 111 8.61 -14.30 6.27
N LYS B 112 7.39 -14.81 6.50
CA LYS B 112 7.23 -15.94 7.42
C LYS B 112 7.99 -17.16 6.93
N ALA B 113 8.00 -17.40 5.62
CA ALA B 113 8.73 -18.54 5.08
C ALA B 113 10.24 -18.39 5.26
N LEU B 114 10.73 -17.15 5.37
CA LEU B 114 12.13 -16.89 5.63
C LEU B 114 12.45 -16.80 7.11
N GLY B 115 11.47 -16.98 7.98
CA GLY B 115 11.70 -16.90 9.41
C GLY B 115 11.94 -15.50 9.93
N ILE B 116 11.38 -14.48 9.29
CA ILE B 116 11.60 -13.08 9.63
C ILE B 116 10.26 -12.45 9.94
N SER B 117 10.18 -11.75 11.08
CA SER B 117 8.90 -11.21 11.55
C SER B 117 8.57 -9.93 10.78
N PRO B 118 7.46 -9.88 10.04
CA PRO B 118 7.14 -8.69 9.25
C PRO B 118 6.12 -7.76 9.90
N PHE B 119 6.05 -6.53 9.40
CA PHE B 119 5.09 -5.57 9.92
C PHE B 119 3.75 -5.66 9.21
N HIS B 120 3.75 -5.72 7.88
CA HIS B 120 2.52 -5.56 7.12
C HIS B 120 1.78 -6.88 6.93
N GLU B 121 0.44 -6.81 6.89
CA GLU B 121 -0.34 -7.98 6.51
C GLU B 121 -0.13 -8.33 5.05
N HIS B 122 -0.02 -7.31 4.21
CA HIS B 122 0.19 -7.44 2.77
C HIS B 122 0.61 -6.07 2.27
N ALA B 123 1.10 -6.03 1.04
CA ALA B 123 1.37 -4.77 0.37
C ALA B 123 0.27 -4.56 -0.65
N GLU B 124 -0.32 -3.36 -0.63
CA GLU B 124 -1.49 -3.04 -1.45
C GLU B 124 -1.10 -1.95 -2.44
N VAL B 125 -1.43 -2.16 -3.71
CA VAL B 125 -1.18 -1.17 -4.74
C VAL B 125 -2.50 -0.92 -5.44
N VAL B 126 -3.07 0.27 -5.28
CA VAL B 126 -4.38 0.61 -5.83
C VAL B 126 -4.19 1.76 -6.81
N PHE B 127 -4.69 1.58 -8.04
CA PHE B 127 -4.42 2.53 -9.11
C PHE B 127 -5.58 2.54 -10.11
N THR B 128 -5.69 3.63 -10.87
CA THR B 128 -6.61 3.70 -11.99
C THR B 128 -5.87 3.39 -13.28
N ALA B 129 -6.42 2.50 -14.09
CA ALA B 129 -5.93 2.28 -15.44
C ALA B 129 -6.66 3.23 -16.36
N ASN B 130 -5.91 3.97 -17.19
CA ASN B 130 -6.50 4.98 -18.06
C ASN B 130 -5.93 4.84 -19.47
N ASP B 131 -6.81 4.96 -20.46
CA ASP B 131 -6.41 4.83 -21.86
C ASP B 131 -5.88 6.17 -22.34
N SER B 132 -4.56 6.30 -22.37
CA SER B 132 -3.86 7.44 -22.97
C SER B 132 -2.84 6.82 -23.91
N GLY B 133 -3.29 6.50 -25.12
CA GLY B 133 -2.48 5.78 -26.07
C GLY B 133 -2.18 4.37 -25.60
N PRO B 134 -1.33 3.65 -26.33
CA PRO B 134 -0.91 2.31 -25.87
C PRO B 134 -0.11 2.44 -24.58
N ARG B 135 -0.47 1.61 -23.60
CA ARG B 135 0.19 1.63 -22.29
C ARG B 135 0.38 0.21 -21.77
N ARG B 136 1.59 -0.08 -21.30
CA ARG B 136 1.91 -1.26 -20.54
C ARG B 136 2.28 -0.82 -19.13
N TYR B 137 1.80 -1.55 -18.13
CA TYR B 137 2.00 -1.22 -16.72
C TYR B 137 2.90 -2.28 -16.09
N THR B 138 4.00 -1.84 -15.48
CA THR B 138 4.77 -2.67 -14.57
C THR B 138 4.63 -2.09 -13.18
N ILE B 139 4.11 -2.89 -12.27
CA ILE B 139 4.02 -2.54 -10.86
C ILE B 139 5.21 -3.19 -10.19
N ALA B 140 6.04 -2.41 -9.52
CA ALA B 140 7.21 -2.94 -8.87
C ALA B 140 7.12 -2.70 -7.37
N ALA B 141 7.61 -3.66 -6.59
CA ALA B 141 7.62 -3.56 -5.14
C ALA B 141 8.95 -4.05 -4.60
N LEU B 142 9.57 -3.25 -3.74
CA LEU B 142 10.80 -3.63 -3.08
C LEU B 142 10.46 -3.83 -1.61
N LEU B 143 10.73 -5.02 -1.09
CA LEU B 143 10.23 -5.46 0.21
C LEU B 143 11.34 -5.51 1.26
N SER B 144 11.06 -4.96 2.42
CA SER B 144 11.80 -5.17 3.65
C SER B 144 10.81 -5.59 4.72
N PRO B 145 11.28 -6.17 5.83
CA PRO B 145 10.31 -6.65 6.83
C PRO B 145 9.39 -5.58 7.39
N TYR B 146 9.89 -4.35 7.57
CA TYR B 146 9.10 -3.28 8.14
C TYR B 146 8.83 -2.15 7.16
N SER B 147 9.06 -2.37 5.87
CA SER B 147 8.92 -1.28 4.92
C SER B 147 8.75 -1.87 3.54
N TYR B 148 8.01 -1.18 2.69
CA TYR B 148 8.08 -1.50 1.27
C TYR B 148 7.98 -0.22 0.45
N SER B 149 8.52 -0.30 -0.75
CA SER B 149 8.45 0.78 -1.73
C SER B 149 7.79 0.22 -2.97
N THR B 150 6.94 1.02 -3.59
CA THR B 150 6.31 0.55 -4.81
C THR B 150 6.33 1.67 -5.83
N THR B 151 6.57 1.32 -7.09
CA THR B 151 6.53 2.29 -8.16
C THR B 151 5.82 1.67 -9.35
N ALA B 152 5.51 2.51 -10.32
CA ALA B 152 4.88 2.07 -11.55
C ALA B 152 5.73 2.55 -12.69
N VAL B 153 5.97 1.66 -13.66
CA VAL B 153 6.63 2.01 -14.91
C VAL B 153 5.60 1.84 -16.00
N VAL B 154 5.12 2.95 -16.56
CA VAL B 154 4.07 2.95 -17.57
C VAL B 154 4.70 3.35 -18.89
N THR B 155 4.68 2.45 -19.87
CA THR B 155 5.40 2.66 -21.13
C THR B 155 4.47 2.40 -22.31
N ASN B 156 4.94 2.79 -23.49
CA ASN B 156 4.17 2.60 -24.72
C ASN B 156 4.71 1.38 -25.48
CAA PKQ C . 9.61 9.33 5.98
CAA PKQ C . 11.54 10.91 8.42
CAC PKQ C . 10.93 9.49 5.96
CAC PKQ C . 10.60 10.00 8.20
CAD PKQ C . 11.42 8.59 5.09
CAD PKQ C . 10.30 9.44 9.38
CAE PKQ C . 10.39 7.87 4.63
CAE PKQ C . 11.09 9.99 10.30
CAF PKQ C . 11.69 10.42 6.60
CAF PKQ C . 9.99 9.72 7.05
CAG PKQ C . 11.51 10.72 7.95
CAG PKQ C . 10.57 8.84 6.14
CAH PKQ C . 11.94 11.97 8.43
CAH PKQ C . 9.74 7.86 5.60
CAI PKQ C . 10.91 9.83 8.84
CAI PKQ C . 11.91 8.91 5.73
CAJ PKQ C . 11.77 12.33 9.77
CAJ PKQ C . 10.22 6.94 4.68
CAK PKQ C . 10.73 10.18 10.18
CAK PKQ C . 12.41 8.00 4.80
CAL PKQ C . 11.16 11.42 10.62
CAL PKQ C . 11.55 7.03 4.30
CAQ PKQ C . 12.66 8.32 4.69
CAQ PKQ C . 9.43 8.49 9.72
CAR PKQ C . 12.90 7.29 3.78
CAR PKQ C . 9.32 8.04 11.02
CAS PKQ C . 10.57 6.87 3.75
CAS PKQ C . 11.02 9.61 11.57
CAT PKQ C . 11.84 6.55 3.31
CAT PKQ C . 10.14 8.62 11.99
CAU PKQ C . 8.57 10.13 6.79
CAU PKQ C . 12.21 11.83 7.40
CAV PKQ C . 7.28 10.21 6.02
CAV PKQ C . 12.62 13.13 8.10
OAB PKQ C . 9.27 8.34 5.18
OAB PKQ C . 11.86 10.91 9.71
OAM PKQ C . 12.47 11.10 5.93
OAM PKQ C . 8.86 10.16 6.83
OAO PKQ C . 10.98 11.75 11.93
OAO PKQ C . 12.03 6.14 3.39
OAW PKQ C . 12.01 5.54 2.41
OAW PKQ C . 10.09 8.25 13.29
BRA PKQ C . 12.35 14.02 10.47
BRA PKQ C . 9.08 5.62 3.99
BRB PKQ C . 9.91 9.00 11.33
BRB PKQ C . 14.20 8.05 4.23
CAA PKQ D . 13.85 0.14 -8.78
CAA PKQ D . 12.45 -2.44 -11.25
CAC PKQ D . 12.86 -0.59 -8.22
CAC PKQ D . 13.59 -2.05 -10.68
CAD PKQ D . 12.63 -0.07 -7.01
CAD PKQ D . 14.47 -3.04 -10.82
CAE PKQ D . 13.48 0.96 -6.82
CAE PKQ D . 13.86 -4.04 -11.44
CAF PKQ D . 12.16 -1.65 -8.71
CAF PKQ D . 13.88 -0.87 -10.11
CAG PKQ D . 12.50 -2.27 -9.91
CAG PKQ D . 13.46 -0.55 -8.82
CAH PKQ D . 11.67 -2.16 -11.03
CAH PKQ D . 14.41 0.07 -8.00
CAI PKQ D . 13.67 -3.03 -9.99
CAI PKQ D . 12.18 -0.78 -8.33
CAJ PKQ D . 12.00 -2.78 -12.23
CAJ PKQ D . 14.10 0.43 -6.69
CAK PKQ D . 14.00 -3.64 -11.19
CAK PKQ D . 11.85 -0.41 -7.03
CAL PKQ D . 13.17 -3.51 -12.28
CAL PKQ D . 12.81 0.18 -6.23
CAQ PKQ D . 11.77 -0.38 -6.04
CAQ PKQ D . 15.73 -3.16 -10.44
CAR PKQ D . 11.72 0.32 -4.84
CAR PKQ D . 16.46 -4.32 -10.68
CAS PKQ D . 13.48 1.66 -5.69
CAS PKQ D . 14.50 -5.18 -11.71
CAT PKQ D . 12.59 1.37 -4.66
CAT PKQ D . 15.82 -5.36 -11.33
CAU PKQ D . 14.53 0.02 -10.15
CAU PKQ D . 11.15 -1.68 -11.38
CAV PKQ D . 15.25 1.32 -10.48
CAV PKQ D . 10.52 -1.95 -12.75
OAB PKQ D . 14.22 1.08 -7.93
OAB PKQ D . 12.60 -3.67 -11.71
OAM PKQ D . 11.22 -2.14 -8.08
OAM PKQ D . 14.61 -0.07 -10.73
OAO PKQ D . 13.51 -4.13 -13.44
OAO PKQ D . 12.50 0.53 -4.95
OAW PKQ D . 12.58 2.08 -3.50
OAW PKQ D . 16.46 -6.52 -11.60
BRA PKQ D . 10.95 -2.68 -13.78
BRA PKQ D . 15.41 1.25 -5.58
BRB PKQ D . 15.52 -4.62 -11.36
BRB PKQ D . 10.11 -0.73 -6.34
#